data_4PH6
#
_entry.id   4PH6
#
_cell.length_a   42.973
_cell.length_b   48.288
_cell.length_c   67.429
_cell.angle_alpha   108.070
_cell.angle_beta   92.860
_cell.angle_gamma   111.830
#
_symmetry.space_group_name_H-M   'P 1'
#
loop_
_entity.id
_entity.type
_entity.pdbx_description
1 polymer '3-dehydroquinate dehydratase'
2 water water
#
_entity_poly.entity_id   1
_entity_poly.type   'polypeptide(L)'
_entity_poly.pdbx_seq_one_letter_code
;GSHMKPVIVKNVRIGEGNPKIVVPIVAPTAEDILAEATASQTLDCDLVEWRLDYYENVADFSDVCNLSQQVMERLGQKPL
LLTFRTQKEGGEMAFSEENYFALYHELVKKGALDLLDIELFANPLAADTLIHEAKKAGIKIVLCNHDFQKTPSQEEIVAR
LRQMQMRQADICKIAVMPQDATDVLTLLSATNEMYTHYASVPIVTMSMGQLGMISRVTGQLFGSALTFGSAQQASAPGQL
SVQVLRNYLKTFEQNK
;
_entity_poly.pdbx_strand_id   A,B
#
# COMPACT_ATOMS: atom_id res chain seq x y z
N PRO A 6 -20.54 -13.14 1.04
CA PRO A 6 -19.65 -13.29 2.20
C PRO A 6 -19.70 -14.70 2.76
N VAL A 7 -18.56 -15.37 2.79
CA VAL A 7 -18.49 -16.74 3.28
C VAL A 7 -18.33 -16.72 4.80
N ILE A 8 -19.32 -17.26 5.50
CA ILE A 8 -19.31 -17.20 6.95
C ILE A 8 -18.97 -18.56 7.54
N VAL A 9 -17.88 -18.60 8.30
CA VAL A 9 -17.42 -19.81 8.98
C VAL A 9 -17.02 -19.54 10.44
N LYS A 10 -17.74 -20.21 11.36
CA LYS A 10 -17.57 -20.02 12.81
C LYS A 10 -17.59 -18.53 13.17
N ASN A 11 -18.63 -17.86 12.69
CA ASN A 11 -18.89 -16.44 12.92
C ASN A 11 -17.89 -15.51 12.23
N VAL A 12 -16.88 -16.06 11.56
CA VAL A 12 -15.94 -15.22 10.82
C VAL A 12 -16.50 -14.90 9.42
N ARG A 13 -16.75 -13.62 9.17
CA ARG A 13 -17.41 -13.18 7.94
C ARG A 13 -16.40 -12.82 6.87
N ILE A 14 -16.01 -13.81 6.07
CA ILE A 14 -15.02 -13.62 5.03
C ILE A 14 -15.63 -13.01 3.78
N GLY A 15 -15.17 -11.81 3.43
CA GLY A 15 -15.73 -11.06 2.30
C GLY A 15 -16.51 -9.86 2.77
N GLU A 16 -16.33 -9.49 4.05
CA GLU A 16 -16.99 -8.33 4.66
C GLU A 16 -16.07 -7.60 5.62
N GLY A 17 -16.22 -6.28 5.68
CA GLY A 17 -15.44 -5.47 6.58
C GLY A 17 -13.98 -5.62 6.24
N ASN A 18 -13.14 -5.64 7.27
CA ASN A 18 -11.70 -5.80 7.09
C ASN A 18 -11.30 -7.22 6.73
N PRO A 19 -10.22 -7.37 5.95
CA PRO A 19 -9.63 -8.66 5.58
C PRO A 19 -9.35 -9.51 6.80
N LYS A 20 -9.78 -10.77 6.76
CA LYS A 20 -9.58 -11.65 7.90
C LYS A 20 -8.16 -12.18 7.87
N ILE A 21 -7.58 -12.37 9.04
CA ILE A 21 -6.19 -12.74 9.13
C ILE A 21 -6.01 -14.24 9.33
N VAL A 22 -5.11 -14.79 8.52
CA VAL A 22 -4.77 -16.20 8.47
C VAL A 22 -3.34 -16.42 8.91
N VAL A 23 -3.13 -17.25 9.93
CA VAL A 23 -1.78 -17.63 10.30
C VAL A 23 -1.57 -19.08 9.88
N PRO A 24 -0.43 -19.33 9.18
CA PRO A 24 0.01 -20.68 8.80
C PRO A 24 0.81 -21.40 9.88
N ILE A 25 0.54 -22.70 10.01
CA ILE A 25 1.41 -23.59 10.75
C ILE A 25 2.24 -24.35 9.74
N VAL A 26 3.56 -24.22 9.81
CA VAL A 26 4.44 -24.92 8.88
C VAL A 26 5.43 -25.84 9.58
N ALA A 27 5.20 -26.11 10.87
CA ALA A 27 6.11 -26.97 11.62
C ALA A 27 5.98 -28.43 11.15
N PRO A 28 7.12 -29.14 11.06
CA PRO A 28 7.13 -30.49 10.49
C PRO A 28 6.78 -31.60 11.48
N THR A 29 6.98 -31.38 12.77
CA THR A 29 6.64 -32.43 13.74
C THR A 29 5.30 -32.18 14.35
N ALA A 30 4.64 -33.28 14.74
CA ALA A 30 3.29 -33.26 15.28
C ALA A 30 3.22 -32.42 16.53
N GLU A 31 4.19 -32.65 17.40
CA GLU A 31 4.29 -31.98 18.69
C GLU A 31 4.36 -30.47 18.57
N ASP A 32 5.13 -29.99 17.60
CA ASP A 32 5.23 -28.55 17.36
C ASP A 32 3.98 -28.02 16.65
N ILE A 33 3.33 -28.87 15.87
CA ILE A 33 2.09 -28.46 15.19
C ILE A 33 0.98 -28.22 16.21
N LEU A 34 0.87 -29.11 17.19
CA LEU A 34 -0.11 -28.93 18.27
C LEU A 34 0.23 -27.70 19.12
N ALA A 35 1.50 -27.50 19.45
CA ALA A 35 1.88 -26.34 20.25
C ALA A 35 1.47 -25.04 19.57
N GLU A 36 1.78 -24.93 18.27
CA GLU A 36 1.48 -23.72 17.52
C GLU A 36 -0.02 -23.53 17.33
N ALA A 37 -0.77 -24.62 17.36
CA ALA A 37 -2.22 -24.56 17.32
C ALA A 37 -2.73 -23.94 18.61
N THR A 38 -2.21 -24.45 19.72
CA THR A 38 -2.57 -23.92 21.02
C THR A 38 -2.17 -22.45 21.12
N ALA A 39 -0.98 -22.11 20.60
CA ALA A 39 -0.51 -20.73 20.60
C ALA A 39 -1.44 -19.79 19.81
N SER A 40 -2.10 -20.29 18.75
CA SER A 40 -2.97 -19.44 17.96
C SER A 40 -4.13 -18.86 18.79
N GLN A 41 -4.43 -19.50 19.92
CA GLN A 41 -5.54 -19.06 20.78
C GLN A 41 -5.30 -17.68 21.38
N THR A 42 -4.04 -17.27 21.45
CA THR A 42 -3.72 -15.95 21.95
C THR A 42 -3.03 -15.10 20.90
N LEU A 43 -3.15 -15.50 19.63
CA LEU A 43 -2.66 -14.70 18.52
C LEU A 43 -3.79 -13.85 17.93
N ASP A 44 -3.45 -12.66 17.44
CA ASP A 44 -4.45 -11.72 16.93
C ASP A 44 -4.79 -12.04 15.47
N CYS A 45 -5.39 -13.20 15.26
CA CYS A 45 -5.74 -13.68 13.93
C CYS A 45 -7.16 -14.23 13.93
N ASP A 46 -7.69 -14.52 12.75
CA ASP A 46 -9.07 -14.95 12.66
C ASP A 46 -9.17 -16.43 12.30
N LEU A 47 -8.22 -16.91 11.51
CA LEU A 47 -8.18 -18.33 11.24
C LEU A 47 -6.77 -18.86 11.09
N VAL A 48 -6.67 -20.17 10.93
CA VAL A 48 -5.41 -20.90 10.95
C VAL A 48 -5.30 -21.80 9.73
N GLU A 49 -4.17 -21.73 9.03
CA GLU A 49 -3.92 -22.65 7.93
C GLU A 49 -2.85 -23.65 8.32
N TRP A 50 -3.19 -24.92 8.38
CA TRP A 50 -2.17 -25.93 8.62
C TRP A 50 -1.62 -26.37 7.27
N ARG A 51 -0.33 -26.12 7.03
CA ARG A 51 0.28 -26.55 5.78
C ARG A 51 0.73 -28.02 5.84
N LEU A 52 -0.01 -28.87 5.15
CA LEU A 52 0.21 -30.32 5.15
C LEU A 52 1.54 -30.75 4.57
N ASP A 53 2.00 -30.03 3.55
CA ASP A 53 3.16 -30.46 2.79
C ASP A 53 4.45 -30.26 3.60
N TYR A 54 4.34 -29.59 4.74
CA TYR A 54 5.45 -29.52 5.70
C TYR A 54 5.46 -30.70 6.67
N TYR A 55 4.29 -31.31 6.91
CA TYR A 55 4.18 -32.37 7.92
C TYR A 55 4.97 -33.63 7.56
N GLU A 56 5.90 -34.03 8.43
CA GLU A 56 6.78 -35.16 8.13
C GLU A 56 6.03 -36.48 7.86
N ASN A 57 4.84 -36.65 8.44
CA ASN A 57 4.11 -37.91 8.29
C ASN A 57 2.94 -37.85 7.32
N VAL A 58 2.98 -36.90 6.38
CA VAL A 58 1.82 -36.60 5.55
C VAL A 58 1.40 -37.74 4.61
N ALA A 59 2.29 -38.71 4.42
CA ALA A 59 2.00 -39.88 3.62
C ALA A 59 1.13 -40.86 4.38
N ASP A 60 1.08 -40.72 5.70
CA ASP A 60 0.18 -41.52 6.52
C ASP A 60 -1.13 -40.76 6.72
N PHE A 61 -2.10 -41.06 5.87
CA PHE A 61 -3.31 -40.25 5.75
C PHE A 61 -4.16 -40.32 7.02
N SER A 62 -4.08 -41.43 7.75
CA SER A 62 -4.82 -41.61 8.99
C SER A 62 -4.21 -40.84 10.14
N ASP A 63 -2.89 -40.81 10.16
CA ASP A 63 -2.15 -39.98 11.09
C ASP A 63 -2.54 -38.53 10.89
N VAL A 64 -2.63 -38.13 9.63
CA VAL A 64 -2.98 -36.75 9.31
C VAL A 64 -4.42 -36.43 9.76
N CYS A 65 -5.36 -37.34 9.50
CA CYS A 65 -6.75 -37.13 9.91
C CYS A 65 -6.86 -36.96 11.43
N ASN A 66 -6.16 -37.82 12.17
CA ASN A 66 -6.19 -37.79 13.64
C ASN A 66 -5.53 -36.53 14.16
N LEU A 67 -4.37 -36.22 13.61
CA LEU A 67 -3.68 -35.01 13.98
C LEU A 67 -4.58 -33.81 13.70
N SER A 68 -5.36 -33.86 12.62
CA SER A 68 -6.23 -32.74 12.28
C SER A 68 -7.30 -32.54 13.37
N GLN A 69 -7.72 -33.65 13.98
CA GLN A 69 -8.68 -33.60 15.07
C GLN A 69 -8.11 -32.90 16.31
N GLN A 70 -6.89 -33.26 16.68
CA GLN A 70 -6.20 -32.66 17.81
C GLN A 70 -5.85 -31.17 17.60
N VAL A 71 -5.58 -30.81 16.35
CA VAL A 71 -5.34 -29.41 16.00
C VAL A 71 -6.61 -28.58 16.17
N MET A 72 -7.72 -29.10 15.64
CA MET A 72 -9.02 -28.44 15.77
C MET A 72 -9.42 -28.22 17.23
N GLU A 73 -9.19 -29.22 18.07
CA GLU A 73 -9.58 -29.13 19.47
C GLU A 73 -8.91 -27.97 20.20
N ARG A 74 -7.71 -27.60 19.74
CA ARG A 74 -6.92 -26.51 20.34
C ARG A 74 -7.12 -25.14 19.67
N LEU A 75 -8.02 -25.02 18.70
CA LEU A 75 -8.07 -23.80 17.91
C LEU A 75 -8.95 -22.69 18.47
N GLY A 76 -9.55 -22.90 19.65
CA GLY A 76 -10.39 -21.90 20.27
C GLY A 76 -11.52 -21.38 19.39
N GLN A 77 -11.98 -22.28 18.51
CA GLN A 77 -13.11 -22.07 17.59
C GLN A 77 -12.76 -21.13 16.43
N LYS A 78 -11.47 -21.04 16.12
CA LYS A 78 -11.03 -20.40 14.87
C LYS A 78 -11.10 -21.41 13.71
N PRO A 79 -11.60 -20.97 12.55
CA PRO A 79 -11.69 -21.85 11.39
C PRO A 79 -10.36 -22.48 11.05
N LEU A 80 -10.39 -23.75 10.69
CA LEU A 80 -9.20 -24.47 10.28
C LEU A 80 -9.23 -24.75 8.78
N LEU A 81 -8.31 -24.08 8.09
CA LEU A 81 -8.01 -24.33 6.69
C LEU A 81 -6.88 -25.35 6.56
N LEU A 82 -7.11 -26.36 5.73
CA LEU A 82 -6.08 -27.36 5.45
C LEU A 82 -5.60 -27.21 4.01
N THR A 83 -4.29 -27.24 3.85
CA THR A 83 -3.67 -26.99 2.54
C THR A 83 -2.52 -27.93 2.29
N PHE A 84 -2.57 -28.69 1.21
CA PHE A 84 -1.36 -29.34 0.72
C PHE A 84 -0.84 -28.56 -0.48
N ARG A 85 0.12 -27.65 -0.28
CA ARG A 85 0.63 -26.92 -1.43
C ARG A 85 1.48 -27.85 -2.28
N THR A 86 1.16 -27.97 -3.56
CA THR A 86 1.94 -28.87 -4.42
C THR A 86 3.24 -28.20 -4.81
N GLN A 87 4.24 -29.02 -5.10
CA GLN A 87 5.59 -28.56 -5.38
C GLN A 87 5.66 -27.53 -6.51
N LYS A 88 4.86 -27.70 -7.56
CA LYS A 88 4.96 -26.79 -8.70
C LYS A 88 4.39 -25.39 -8.40
N GLU A 89 3.74 -25.25 -7.25
CA GLU A 89 3.22 -23.93 -6.85
C GLU A 89 3.81 -23.48 -5.51
N GLY A 90 5.05 -23.92 -5.25
CA GLY A 90 5.77 -23.49 -4.05
C GLY A 90 5.82 -24.46 -2.88
N GLY A 91 5.18 -25.62 -3.03
CA GLY A 91 5.08 -26.58 -1.95
C GLY A 91 6.41 -27.16 -1.50
N GLU A 92 6.38 -27.93 -0.42
CA GLU A 92 7.62 -28.42 0.19
C GLU A 92 8.12 -29.77 -0.34
N MET A 93 7.22 -30.60 -0.88
CA MET A 93 7.60 -31.96 -1.26
C MET A 93 6.92 -32.49 -2.51
N ALA A 94 7.63 -33.36 -3.21
CA ALA A 94 7.05 -34.12 -4.31
C ALA A 94 5.93 -35.03 -3.80
N PHE A 95 4.89 -35.17 -4.60
CA PHE A 95 3.70 -35.92 -4.19
C PHE A 95 2.95 -36.25 -5.47
N SER A 96 2.62 -37.52 -5.66
CA SER A 96 1.82 -37.94 -6.80
C SER A 96 0.44 -37.28 -6.76
N GLU A 97 -0.13 -37.03 -7.93
CA GLU A 97 -1.52 -36.60 -8.01
C GLU A 97 -2.46 -37.55 -7.22
N GLU A 98 -2.23 -38.86 -7.36
CA GLU A 98 -3.07 -39.86 -6.68
C GLU A 98 -3.04 -39.70 -5.17
N ASN A 99 -1.83 -39.50 -4.62
CA ASN A 99 -1.67 -39.24 -3.19
C ASN A 99 -2.26 -37.90 -2.79
N TYR A 100 -2.19 -36.93 -3.69
CA TYR A 100 -2.76 -35.63 -3.44
C TYR A 100 -4.26 -35.78 -3.20
N PHE A 101 -4.96 -36.41 -4.15
CA PHE A 101 -6.41 -36.54 -4.03
C PHE A 101 -6.84 -37.57 -2.98
N ALA A 102 -6.04 -38.61 -2.78
CA ALA A 102 -6.37 -39.64 -1.78
C ALA A 102 -6.34 -39.06 -0.35
N LEU A 103 -5.33 -38.23 -0.09
CA LEU A 103 -5.20 -37.56 1.21
C LEU A 103 -6.38 -36.66 1.53
N TYR A 104 -6.75 -35.82 0.56
CA TYR A 104 -7.87 -34.92 0.72
C TYR A 104 -9.19 -35.66 0.92
N HIS A 105 -9.43 -36.69 0.12
CA HIS A 105 -10.64 -37.51 0.27
C HIS A 105 -10.73 -38.08 1.69
N GLU A 106 -9.60 -38.54 2.23
CA GLU A 106 -9.56 -39.07 3.59
C GLU A 106 -9.83 -38.02 4.66
N LEU A 107 -9.24 -36.84 4.53
CA LEU A 107 -9.51 -35.74 5.45
C LEU A 107 -11.00 -35.41 5.45
N VAL A 108 -11.59 -35.40 4.25
CA VAL A 108 -13.01 -35.10 4.12
C VAL A 108 -13.86 -36.08 4.93
N LYS A 109 -13.50 -37.37 4.88
CA LYS A 109 -14.25 -38.42 5.56
C LYS A 109 -14.04 -38.48 7.07
N LYS A 110 -12.78 -38.38 7.50
CA LYS A 110 -12.43 -38.69 8.89
C LYS A 110 -11.53 -37.63 9.54
N GLY A 111 -11.31 -36.51 8.85
CA GLY A 111 -10.50 -35.45 9.41
C GLY A 111 -11.34 -34.28 9.91
N ALA A 112 -10.70 -33.33 10.56
CA ALA A 112 -11.35 -32.10 10.97
C ALA A 112 -10.82 -30.92 10.17
N LEU A 113 -11.74 -30.12 9.62
CA LEU A 113 -11.36 -28.95 8.81
C LEU A 113 -12.60 -28.15 8.43
N ASP A 114 -12.42 -26.84 8.21
CA ASP A 114 -13.55 -25.99 7.88
C ASP A 114 -13.48 -25.51 6.44
N LEU A 115 -12.25 -25.37 5.95
CA LEU A 115 -12.00 -24.96 4.57
C LEU A 115 -10.95 -25.88 3.95
N LEU A 116 -11.12 -26.15 2.68
CA LEU A 116 -10.18 -27.02 1.96
C LEU A 116 -9.59 -26.26 0.79
N ASP A 117 -8.26 -26.24 0.75
CA ASP A 117 -7.51 -25.64 -0.33
C ASP A 117 -7.31 -26.65 -1.49
N ILE A 118 -7.74 -26.26 -2.69
CA ILE A 118 -7.57 -27.09 -3.87
C ILE A 118 -7.02 -26.24 -5.02
N GLU A 119 -5.90 -26.66 -5.59
CA GLU A 119 -5.29 -25.90 -6.67
C GLU A 119 -6.12 -25.99 -7.94
N LEU A 120 -6.43 -24.82 -8.50
CA LEU A 120 -7.16 -24.71 -9.76
C LEU A 120 -6.66 -25.69 -10.81
N PHE A 121 -5.36 -25.82 -10.93
CA PHE A 121 -4.72 -26.56 -12.02
C PHE A 121 -4.57 -28.08 -11.82
N ALA A 122 -4.94 -28.59 -10.67
CA ALA A 122 -4.92 -30.00 -10.42
C ALA A 122 -6.00 -30.61 -11.24
N ASN A 123 -5.90 -31.91 -11.44
CA ASN A 123 -6.86 -32.66 -12.25
C ASN A 123 -8.27 -32.35 -11.84
N PRO A 124 -8.92 -31.65 -12.72
CA PRO A 124 -10.25 -31.10 -12.50
C PRO A 124 -11.33 -32.14 -12.30
N LEU A 125 -11.31 -33.24 -13.04
CA LEU A 125 -12.30 -34.26 -12.89
C LEU A 125 -12.18 -34.84 -11.51
N ALA A 126 -10.98 -35.13 -11.09
CA ALA A 126 -10.74 -35.57 -9.72
C ALA A 126 -11.09 -34.48 -8.73
N ALA A 127 -10.72 -33.27 -9.04
CA ALA A 127 -10.93 -32.17 -8.10
C ALA A 127 -12.41 -31.85 -7.96
N ASP A 128 -13.15 -31.88 -9.07
CA ASP A 128 -14.57 -31.59 -9.01
C ASP A 128 -15.29 -32.61 -8.12
N THR A 129 -14.96 -33.87 -8.30
CA THR A 129 -15.58 -34.93 -7.51
C THR A 129 -15.29 -34.70 -6.03
N LEU A 130 -14.05 -34.30 -5.74
CA LEU A 130 -13.63 -33.97 -4.38
C LEU A 130 -14.39 -32.77 -3.80
N ILE A 131 -14.55 -31.73 -4.62
CA ILE A 131 -15.27 -30.54 -4.21
C ILE A 131 -16.68 -30.86 -3.68
N HIS A 132 -17.44 -31.66 -4.42
CA HIS A 132 -18.80 -32.00 -4.03
C HIS A 132 -18.83 -32.87 -2.77
N GLU A 133 -17.86 -33.77 -2.63
CA GLU A 133 -17.76 -34.56 -1.40
C GLU A 133 -17.38 -33.68 -0.21
N ALA A 134 -16.48 -32.71 -0.41
CA ALA A 134 -16.14 -31.78 0.66
C ALA A 134 -17.34 -30.89 1.04
N LYS A 135 -18.04 -30.35 0.05
CA LYS A 135 -19.17 -29.46 0.33
C LYS A 135 -20.29 -30.18 1.07
N LYS A 136 -20.54 -31.43 0.66
CA LYS A 136 -21.54 -32.25 1.32
C LYS A 136 -21.20 -32.38 2.81
N ALA A 137 -19.92 -32.45 3.14
CA ALA A 137 -19.48 -32.51 4.54
C ALA A 137 -19.46 -31.14 5.21
N GLY A 138 -19.90 -30.08 4.50
CA GLY A 138 -19.96 -28.75 5.08
C GLY A 138 -18.63 -28.00 5.05
N ILE A 139 -17.69 -28.49 4.25
CA ILE A 139 -16.41 -27.83 4.11
C ILE A 139 -16.45 -26.76 3.01
N LYS A 140 -15.99 -25.53 3.34
CA LYS A 140 -15.85 -24.47 2.34
C LYS A 140 -14.65 -24.71 1.45
N ILE A 141 -14.81 -24.45 0.16
CA ILE A 141 -13.74 -24.70 -0.79
C ILE A 141 -12.95 -23.46 -1.17
N VAL A 142 -11.63 -23.54 -1.04
CA VAL A 142 -10.76 -22.48 -1.55
C VAL A 142 -10.00 -23.01 -2.75
N LEU A 143 -10.42 -22.63 -3.96
CA LEU A 143 -9.64 -22.91 -5.16
C LEU A 143 -8.55 -21.87 -5.23
N CYS A 144 -7.39 -22.23 -5.77
CA CYS A 144 -6.25 -21.36 -5.66
C CYS A 144 -5.19 -21.63 -6.69
N ASN A 145 -4.41 -20.59 -6.95
CA ASN A 145 -3.28 -20.71 -7.86
C ASN A 145 -2.10 -19.90 -7.36
N HIS A 146 -0.91 -20.46 -7.52
CA HIS A 146 0.31 -19.77 -7.10
C HIS A 146 1.35 -19.83 -8.18
N ASP A 147 1.89 -18.66 -8.53
CA ASP A 147 3.05 -18.59 -9.40
C ASP A 147 4.18 -17.93 -8.64
N PHE A 148 5.20 -18.70 -8.25
CA PHE A 148 6.26 -18.16 -7.42
C PHE A 148 7.46 -17.69 -8.22
N GLN A 149 7.33 -17.66 -9.55
CA GLN A 149 8.42 -17.21 -10.40
C GLN A 149 8.15 -15.86 -11.05
N LYS A 150 6.88 -15.60 -11.38
CA LYS A 150 6.54 -14.44 -12.19
C LYS A 150 5.11 -13.97 -11.96
N THR A 151 4.79 -12.86 -12.59
CA THR A 151 3.45 -12.30 -12.55
C THR A 151 2.83 -12.39 -13.94
N PRO A 152 1.71 -13.12 -14.06
CA PRO A 152 1.01 -13.20 -15.35
C PRO A 152 0.39 -11.85 -15.68
N SER A 153 -0.09 -11.69 -16.91
CA SER A 153 -0.75 -10.46 -17.29
C SER A 153 -1.98 -10.25 -16.42
N GLN A 154 -2.42 -9.00 -16.31
CA GLN A 154 -3.62 -8.68 -15.56
C GLN A 154 -4.81 -9.53 -16.01
N GLU A 155 -4.97 -9.71 -17.33
CA GLU A 155 -6.09 -10.46 -17.87
C GLU A 155 -6.02 -11.92 -17.46
N GLU A 156 -4.82 -12.47 -17.42
CA GLU A 156 -4.65 -13.88 -17.09
C GLU A 156 -4.94 -14.14 -15.61
N ILE A 157 -4.54 -13.22 -14.75
CA ILE A 157 -4.87 -13.30 -13.31
C ILE A 157 -6.39 -13.25 -13.14
N VAL A 158 -7.03 -12.33 -13.85
CA VAL A 158 -8.48 -12.19 -13.81
C VAL A 158 -9.16 -13.45 -14.37
N ALA A 159 -8.61 -13.99 -15.45
CA ALA A 159 -9.19 -15.17 -16.07
C ALA A 159 -9.07 -16.36 -15.13
N ARG A 160 -7.94 -16.47 -14.43
CA ARG A 160 -7.76 -17.57 -13.50
C ARG A 160 -8.71 -17.44 -12.32
N LEU A 161 -8.87 -16.23 -11.81
CA LEU A 161 -9.80 -16.03 -10.69
C LEU A 161 -11.22 -16.34 -11.16
N ARG A 162 -11.53 -15.99 -12.41
CA ARG A 162 -12.86 -16.24 -12.93
C ARG A 162 -13.13 -17.72 -13.16
N GLN A 163 -12.09 -18.47 -13.53
CA GLN A 163 -12.24 -19.91 -13.76
C GLN A 163 -12.49 -20.65 -12.44
N MET A 164 -11.87 -20.19 -11.35
CA MET A 164 -12.10 -20.79 -10.04
C MET A 164 -13.55 -20.60 -9.61
N GLN A 165 -14.07 -19.39 -9.79
CA GLN A 165 -15.45 -19.11 -9.45
C GLN A 165 -16.38 -20.01 -10.30
N MET A 166 -16.04 -20.20 -11.57
CA MET A 166 -16.82 -21.08 -12.46
C MET A 166 -16.81 -22.53 -12.00
N ARG A 167 -15.74 -22.92 -11.33
CA ARG A 167 -15.63 -24.28 -10.80
C ARG A 167 -16.22 -24.33 -9.41
N GLN A 168 -17.08 -23.36 -9.07
CA GLN A 168 -17.82 -23.34 -7.80
C GLN A 168 -16.93 -23.26 -6.55
N ALA A 169 -15.84 -22.50 -6.64
CA ALA A 169 -15.08 -22.17 -5.44
C ALA A 169 -15.93 -21.33 -4.49
N ASP A 170 -15.81 -21.60 -3.20
CA ASP A 170 -16.38 -20.71 -2.20
C ASP A 170 -15.50 -19.45 -2.07
N ILE A 171 -14.19 -19.64 -2.27
CA ILE A 171 -13.23 -18.55 -2.16
C ILE A 171 -12.17 -18.76 -3.25
N CYS A 172 -11.90 -17.71 -4.02
CA CYS A 172 -10.91 -17.78 -5.09
C CYS A 172 -9.63 -17.10 -4.65
N LYS A 173 -8.49 -17.77 -4.82
CA LYS A 173 -7.23 -17.26 -4.33
C LYS A 173 -6.12 -17.36 -5.39
N ILE A 174 -5.31 -16.31 -5.49
CA ILE A 174 -4.15 -16.36 -6.37
C ILE A 174 -2.99 -15.60 -5.76
N ALA A 175 -1.82 -16.19 -5.83
CA ALA A 175 -0.60 -15.52 -5.40
C ALA A 175 0.36 -15.47 -6.58
N VAL A 176 0.96 -14.31 -6.80
CA VAL A 176 1.90 -14.16 -7.89
C VAL A 176 3.18 -13.52 -7.39
N MET A 177 4.28 -13.75 -8.11
CA MET A 177 5.56 -13.22 -7.70
C MET A 177 5.95 -12.05 -8.57
N PRO A 178 6.05 -10.84 -7.97
CA PRO A 178 6.51 -9.67 -8.74
C PRO A 178 7.99 -9.73 -9.06
N GLN A 179 8.39 -9.19 -10.20
CA GLN A 179 9.80 -9.01 -10.49
C GLN A 179 10.19 -7.53 -10.47
N ASP A 180 9.20 -6.65 -10.56
CA ASP A 180 9.40 -5.21 -10.38
C ASP A 180 8.11 -4.56 -9.85
N ALA A 181 8.08 -3.22 -9.75
CA ALA A 181 6.92 -2.55 -9.14
C ALA A 181 5.67 -2.62 -10.02
N THR A 182 5.87 -2.65 -11.33
CA THR A 182 4.77 -2.82 -12.29
C THR A 182 3.96 -4.10 -12.04
N ASP A 183 4.64 -5.21 -11.79
CA ASP A 183 3.98 -6.48 -11.52
C ASP A 183 3.08 -6.39 -10.29
N VAL A 184 3.46 -5.56 -9.32
CA VAL A 184 2.66 -5.42 -8.12
C VAL A 184 1.38 -4.66 -8.48
N LEU A 185 1.51 -3.65 -9.32
CA LEU A 185 0.35 -2.93 -9.80
C LEU A 185 -0.56 -3.87 -10.61
N THR A 186 0.06 -4.71 -11.42
CA THR A 186 -0.68 -5.67 -12.23
C THR A 186 -1.58 -6.53 -11.32
N LEU A 187 -0.98 -7.12 -10.29
CA LEU A 187 -1.72 -7.88 -9.29
C LEU A 187 -2.83 -7.05 -8.61
N LEU A 188 -2.49 -5.85 -8.12
CA LEU A 188 -3.47 -5.01 -7.44
C LEU A 188 -4.65 -4.66 -8.36
N SER A 189 -4.36 -4.29 -9.61
CA SER A 189 -5.39 -3.99 -10.61
C SER A 189 -6.26 -5.18 -10.98
N ALA A 190 -5.62 -6.33 -11.16
CA ALA A 190 -6.31 -7.59 -11.44
C ALA A 190 -7.30 -7.88 -10.31
N THR A 191 -6.84 -7.66 -9.09
CA THR A 191 -7.70 -7.81 -7.90
C THR A 191 -8.89 -6.86 -7.96
N ASN A 192 -8.63 -5.59 -8.27
CA ASN A 192 -9.71 -4.59 -8.33
C ASN A 192 -10.74 -4.88 -9.43
N GLU A 193 -10.27 -5.14 -10.66
CA GLU A 193 -11.15 -5.49 -11.76
C GLU A 193 -12.02 -6.73 -11.47
N MET A 194 -11.38 -7.82 -11.03
CA MET A 194 -12.12 -9.04 -10.67
C MET A 194 -13.23 -8.74 -9.65
N TYR A 195 -12.86 -8.07 -8.59
CA TYR A 195 -13.77 -7.79 -7.49
C TYR A 195 -14.94 -6.90 -7.92
N THR A 196 -14.66 -5.89 -8.74
CA THR A 196 -15.72 -4.94 -9.06
C THR A 196 -16.65 -5.51 -10.14
N HIS A 197 -16.12 -6.33 -11.05
CA HIS A 197 -16.85 -6.68 -12.26
C HIS A 197 -17.32 -8.15 -12.40
N TYR A 198 -16.67 -9.10 -11.76
CA TYR A 198 -16.96 -10.52 -12.03
C TYR A 198 -17.24 -11.38 -10.78
N ALA A 199 -16.76 -10.92 -9.64
CA ALA A 199 -16.80 -11.71 -8.42
C ALA A 199 -18.18 -11.69 -7.75
N SER A 200 -18.70 -12.87 -7.44
CA SER A 200 -19.90 -12.93 -6.60
C SER A 200 -19.61 -13.85 -5.43
N VAL A 201 -18.36 -14.29 -5.34
CA VAL A 201 -17.81 -14.92 -4.14
C VAL A 201 -16.54 -14.16 -3.73
N PRO A 202 -16.11 -14.32 -2.47
CA PRO A 202 -14.89 -13.65 -2.01
C PRO A 202 -13.65 -14.08 -2.78
N ILE A 203 -12.73 -13.16 -2.99
CA ILE A 203 -11.47 -13.47 -3.63
C ILE A 203 -10.32 -13.08 -2.73
N VAL A 204 -9.19 -13.74 -2.94
CA VAL A 204 -8.00 -13.57 -2.14
C VAL A 204 -6.81 -13.46 -3.06
N THR A 205 -6.09 -12.36 -2.97
CA THR A 205 -4.93 -12.18 -3.84
C THR A 205 -3.75 -11.66 -3.06
N MET A 206 -2.57 -11.92 -3.59
CA MET A 206 -1.38 -11.29 -3.03
C MET A 206 -0.24 -11.31 -4.01
N SER A 207 0.56 -10.25 -3.93
CA SER A 207 1.81 -10.12 -4.62
C SER A 207 2.91 -10.49 -3.63
N MET A 208 3.68 -11.53 -3.94
CA MET A 208 4.60 -12.13 -2.96
C MET A 208 5.92 -11.37 -2.81
N GLY A 209 6.71 -11.71 -1.79
CA GLY A 209 8.00 -11.07 -1.59
C GLY A 209 7.95 -9.67 -1.00
N GLN A 210 9.12 -9.05 -0.89
CA GLN A 210 9.23 -7.71 -0.32
C GLN A 210 8.56 -6.66 -1.20
N LEU A 211 8.63 -6.86 -2.52
CA LEU A 211 7.99 -5.95 -3.47
C LEU A 211 6.47 -5.91 -3.38
N GLY A 212 5.85 -7.06 -3.14
CA GLY A 212 4.40 -7.11 -3.13
C GLY A 212 3.76 -6.95 -1.77
N MET A 213 4.55 -6.57 -0.77
CA MET A 213 4.08 -6.55 0.62
C MET A 213 2.83 -5.69 0.86
N ILE A 214 2.78 -4.53 0.20
CA ILE A 214 1.59 -3.69 0.22
C ILE A 214 0.29 -4.42 -0.12
N SER A 215 0.37 -5.46 -0.94
CA SER A 215 -0.82 -6.22 -1.32
C SER A 215 -1.38 -7.00 -0.15
N ARG A 216 -0.62 -7.08 0.94
CA ARG A 216 -1.06 -7.86 2.08
C ARG A 216 -1.84 -7.01 3.08
N VAL A 217 -1.85 -5.69 2.90
CA VAL A 217 -2.56 -4.82 3.83
C VAL A 217 -3.65 -3.96 3.17
N THR A 218 -3.75 -4.07 1.84
CA THR A 218 -4.69 -3.27 1.07
C THR A 218 -5.96 -4.01 0.69
N GLY A 219 -6.16 -5.20 1.25
CA GLY A 219 -7.29 -6.04 0.90
C GLY A 219 -8.62 -5.31 0.92
N GLN A 220 -8.86 -4.49 1.94
CA GLN A 220 -10.15 -3.81 2.02
C GLN A 220 -10.34 -2.86 0.83
N LEU A 221 -9.27 -2.18 0.43
CA LEU A 221 -9.38 -1.22 -0.66
C LEU A 221 -9.66 -1.87 -2.00
N PHE A 222 -8.96 -2.96 -2.31
CA PHE A 222 -8.99 -3.52 -3.66
C PHE A 222 -9.83 -4.80 -3.76
N GLY A 223 -10.24 -5.36 -2.62
CA GLY A 223 -11.22 -6.43 -2.63
C GLY A 223 -10.68 -7.82 -2.34
N SER A 224 -9.59 -7.88 -1.58
CA SER A 224 -9.00 -9.15 -1.20
C SER A 224 -9.46 -9.50 0.22
N ALA A 225 -10.13 -10.64 0.39
CA ALA A 225 -10.83 -10.90 1.65
C ALA A 225 -10.01 -11.64 2.72
N LEU A 226 -8.87 -12.20 2.34
CA LEU A 226 -7.98 -12.83 3.31
C LEU A 226 -6.53 -12.37 3.14
N THR A 227 -5.80 -12.27 4.24
CA THR A 227 -4.40 -11.95 4.18
C THR A 227 -3.64 -12.88 5.13
N PHE A 228 -2.43 -13.27 4.74
CA PHE A 228 -1.69 -14.29 5.47
C PHE A 228 -0.55 -13.66 6.26
N GLY A 229 -0.47 -14.00 7.54
CA GLY A 229 0.52 -13.44 8.43
C GLY A 229 1.24 -14.50 9.23
N SER A 230 2.56 -14.39 9.31
CA SER A 230 3.39 -15.41 9.96
C SER A 230 3.20 -15.41 11.48
N LEU A 240 4.87 -10.26 6.95
CA LEU A 240 4.38 -9.47 8.08
C LEU A 240 3.72 -10.32 9.18
N SER A 241 4.15 -10.11 10.42
CA SER A 241 3.60 -10.87 11.54
C SER A 241 2.14 -10.51 11.77
N VAL A 242 1.42 -11.41 12.43
CA VAL A 242 -0.03 -11.27 12.57
C VAL A 242 -0.44 -10.04 13.40
N GLN A 243 0.35 -9.67 14.40
CA GLN A 243 0.06 -8.48 15.20
C GLN A 243 0.20 -7.18 14.40
N VAL A 244 1.29 -7.06 13.64
CA VAL A 244 1.55 -5.88 12.81
C VAL A 244 0.45 -5.77 11.76
N LEU A 245 0.00 -6.92 11.31
CA LEU A 245 -0.97 -7.01 10.23
C LEU A 245 -2.31 -6.39 10.62
N ARG A 246 -2.82 -6.81 11.77
CA ARG A 246 -4.06 -6.25 12.29
C ARG A 246 -3.93 -4.74 12.44
N ASN A 247 -2.83 -4.29 13.03
CA ASN A 247 -2.60 -2.86 13.23
C ASN A 247 -2.57 -2.13 11.89
N TYR A 248 -1.87 -2.71 10.93
CA TYR A 248 -1.75 -2.08 9.62
C TYR A 248 -3.08 -2.06 8.89
N LEU A 249 -3.88 -3.11 9.04
CA LEU A 249 -5.20 -3.15 8.43
C LEU A 249 -6.09 -2.05 8.98
N LYS A 250 -5.98 -1.77 10.27
CA LYS A 250 -6.82 -0.74 10.88
C LYS A 250 -6.38 0.63 10.37
N THR A 251 -5.07 0.85 10.23
CA THR A 251 -4.58 2.13 9.72
C THR A 251 -5.14 2.39 8.32
N PHE A 252 -5.10 1.38 7.45
CA PHE A 252 -5.56 1.60 6.09
C PHE A 252 -7.03 1.25 5.92
N GLU A 253 -7.76 1.14 7.03
CA GLU A 253 -9.18 0.82 6.99
C GLU A 253 -10.02 1.90 6.29
N GLN A 254 -10.98 1.47 5.48
CA GLN A 254 -11.91 2.41 4.84
C GLN A 254 -13.15 2.64 5.69
N PRO B 6 18.68 13.45 -8.12
CA PRO B 6 18.50 13.54 -6.66
C PRO B 6 18.91 14.89 -6.11
N VAL B 7 17.92 15.59 -5.57
CA VAL B 7 18.07 16.95 -5.06
C VAL B 7 18.60 16.92 -3.63
N ILE B 8 19.86 17.33 -3.45
CA ILE B 8 20.46 17.28 -2.14
C ILE B 8 20.38 18.65 -1.47
N VAL B 9 19.66 18.71 -0.36
CA VAL B 9 19.49 19.96 0.35
C VAL B 9 19.69 19.74 1.85
N LYS B 10 20.70 20.43 2.40
CA LYS B 10 21.16 20.24 3.78
C LYS B 10 21.31 18.77 4.16
N ASN B 11 21.95 18.01 3.26
CA ASN B 11 22.27 16.60 3.42
C ASN B 11 21.07 15.68 3.28
N VAL B 12 19.88 16.24 3.05
CA VAL B 12 18.74 15.38 2.77
C VAL B 12 18.81 15.04 1.30
N ARG B 13 18.93 13.75 0.98
CA ARG B 13 19.09 13.34 -0.41
C ARG B 13 17.74 12.97 -1.00
N ILE B 14 17.03 13.97 -1.54
CA ILE B 14 15.70 13.72 -2.06
C ILE B 14 15.77 13.04 -3.43
N GLY B 15 15.19 11.85 -3.51
CA GLY B 15 15.25 11.05 -4.72
C GLY B 15 16.04 9.76 -4.57
N GLU B 16 16.62 9.54 -3.38
CA GLU B 16 17.37 8.31 -3.09
C GLU B 16 16.85 7.64 -1.82
N GLY B 17 17.11 6.33 -1.70
CA GLY B 17 16.72 5.60 -0.51
C GLY B 17 15.22 5.64 -0.28
N ASN B 18 14.84 5.77 0.99
CA ASN B 18 13.44 5.86 1.37
C ASN B 18 12.90 7.28 1.17
N PRO B 19 11.57 7.39 0.93
CA PRO B 19 10.89 8.67 0.84
C PRO B 19 11.20 9.57 2.04
N LYS B 20 11.49 10.84 1.79
CA LYS B 20 11.77 11.76 2.88
C LYS B 20 10.47 12.34 3.41
N ILE B 21 10.39 12.52 4.73
CA ILE B 21 9.15 12.92 5.38
C ILE B 21 9.06 14.44 5.56
N VAL B 22 7.96 15.01 5.11
CA VAL B 22 7.69 16.44 5.25
C VAL B 22 6.61 16.68 6.31
N VAL B 23 6.91 17.46 7.34
CA VAL B 23 5.84 17.88 8.24
C VAL B 23 5.42 19.30 7.87
N PRO B 24 4.10 19.50 7.71
CA PRO B 24 3.63 20.86 7.44
C PRO B 24 3.41 21.67 8.72
N ILE B 25 3.68 22.97 8.63
CA ILE B 25 3.20 23.89 9.63
C ILE B 25 1.99 24.64 9.07
N VAL B 26 0.83 24.43 9.70
CA VAL B 26 -0.41 25.08 9.28
C VAL B 26 -1.04 25.97 10.36
N ALA B 27 -0.30 26.23 11.44
CA ALA B 27 -0.79 27.15 12.47
C ALA B 27 -0.98 28.57 11.91
N PRO B 28 -2.05 29.25 12.32
CA PRO B 28 -2.38 30.59 11.84
C PRO B 28 -1.63 31.76 12.53
N THR B 29 -1.17 31.60 13.76
CA THR B 29 -0.43 32.69 14.41
C THR B 29 1.07 32.47 14.40
N ALA B 30 1.83 33.57 14.37
CA ALA B 30 3.28 33.53 14.32
C ALA B 30 3.84 32.81 15.54
N GLU B 31 3.20 33.05 16.69
CA GLU B 31 3.58 32.45 17.96
C GLU B 31 3.57 30.93 17.88
N ASP B 32 2.47 30.37 17.37
CA ASP B 32 2.33 28.92 17.19
C ASP B 32 3.14 28.36 16.04
N ILE B 33 3.39 29.18 15.03
CA ILE B 33 4.23 28.77 13.91
C ILE B 33 5.67 28.58 14.39
N LEU B 34 6.15 29.50 15.22
CA LEU B 34 7.47 29.36 15.83
C LEU B 34 7.49 28.17 16.78
N ALA B 35 6.42 28.00 17.56
CA ALA B 35 6.33 26.85 18.48
C ALA B 35 6.44 25.53 17.74
N GLU B 36 5.80 25.45 16.58
CA GLU B 36 5.80 24.21 15.82
C GLU B 36 7.14 23.98 15.10
N ALA B 37 7.85 25.07 14.81
CA ALA B 37 9.14 24.93 14.13
C ALA B 37 10.13 24.34 15.13
N THR B 38 10.13 24.89 16.34
CA THR B 38 10.94 24.35 17.42
C THR B 38 10.56 22.89 17.72
N ALA B 39 9.26 22.59 17.75
CA ALA B 39 8.82 21.23 18.00
C ALA B 39 9.28 20.24 16.93
N SER B 40 9.48 20.69 15.69
CA SER B 40 9.97 19.80 14.63
C SER B 40 11.40 19.27 14.92
N GLN B 41 12.15 20.00 15.74
CA GLN B 41 13.50 19.57 16.08
C GLN B 41 13.53 18.17 16.71
N THR B 42 12.41 17.75 17.31
CA THR B 42 12.37 16.43 17.94
C THR B 42 11.37 15.51 17.27
N LEU B 43 10.82 15.97 16.15
CA LEU B 43 9.92 15.15 15.36
C LEU B 43 10.71 14.29 14.39
N ASP B 44 10.25 13.07 14.14
CA ASP B 44 10.96 12.16 13.25
C ASP B 44 10.64 12.47 11.78
N CYS B 45 11.19 13.57 11.28
CA CYS B 45 10.92 14.02 9.92
C CYS B 45 12.21 14.58 9.32
N ASP B 46 12.18 14.83 8.02
CA ASP B 46 13.38 15.23 7.30
C ASP B 46 13.33 16.68 6.88
N LEU B 47 12.12 17.18 6.68
CA LEU B 47 11.98 18.59 6.41
C LEU B 47 10.59 19.11 6.75
N VAL B 48 10.40 20.40 6.53
CA VAL B 48 9.29 21.16 7.11
C VAL B 48 8.72 22.01 5.99
N GLU B 49 7.40 21.92 5.79
CA GLU B 49 6.71 22.81 4.88
C GLU B 49 5.91 23.81 5.70
N TRP B 50 6.16 25.10 5.50
CA TRP B 50 5.34 26.11 6.15
C TRP B 50 4.28 26.58 5.16
N ARG B 51 3.03 26.29 5.48
CA ARG B 51 1.92 26.67 4.63
C ARG B 51 1.54 28.13 4.84
N LEU B 52 2.04 28.99 3.97
CA LEU B 52 1.83 30.43 4.05
C LEU B 52 0.36 30.85 4.03
N ASP B 53 -0.46 30.09 3.31
CA ASP B 53 -1.87 30.46 3.09
C ASP B 53 -2.72 30.24 4.33
N TYR B 54 -2.16 29.59 5.35
CA TYR B 54 -2.80 29.52 6.65
C TYR B 54 -2.50 30.76 7.53
N TYR B 55 -1.36 31.41 7.27
CA TYR B 55 -0.89 32.49 8.13
C TYR B 55 -1.76 33.76 8.09
N GLU B 56 -2.23 34.19 9.25
CA GLU B 56 -3.09 35.37 9.33
C GLU B 56 -2.49 36.66 8.74
N ASN B 57 -1.16 36.81 8.79
CA ASN B 57 -0.52 38.03 8.29
C ASN B 57 0.23 37.84 6.97
N VAL B 58 -0.18 36.84 6.19
CA VAL B 58 0.51 36.50 4.95
C VAL B 58 0.51 37.65 3.94
N ALA B 59 -0.41 38.60 4.14
CA ALA B 59 -0.55 39.74 3.24
C ALA B 59 0.51 40.80 3.52
N ASP B 60 1.15 40.71 4.70
CA ASP B 60 2.25 41.59 5.08
C ASP B 60 3.57 40.91 4.68
N PHE B 61 4.05 41.21 3.49
CA PHE B 61 5.14 40.46 2.90
C PHE B 61 6.40 40.57 3.74
N SER B 62 6.66 41.74 4.30
CA SER B 62 7.85 41.93 5.13
C SER B 62 7.75 41.12 6.41
N ASP B 63 6.54 41.04 6.96
CA ASP B 63 6.30 40.23 8.14
C ASP B 63 6.56 38.75 7.85
N VAL B 64 6.17 38.30 6.66
CA VAL B 64 6.39 36.91 6.28
C VAL B 64 7.89 36.62 6.14
N CYS B 65 8.60 37.51 5.45
CA CYS B 65 10.03 37.38 5.26
C CYS B 65 10.76 37.22 6.59
N ASN B 66 10.41 38.08 7.55
CA ASN B 66 11.06 38.06 8.85
C ASN B 66 10.70 36.82 9.65
N LEU B 67 9.42 36.45 9.59
CA LEU B 67 8.95 35.28 10.28
C LEU B 67 9.64 34.04 9.71
N SER B 68 9.79 33.99 8.39
CA SER B 68 10.47 32.84 7.80
C SER B 68 11.91 32.75 8.33
N GLN B 69 12.55 33.89 8.53
CA GLN B 69 13.90 33.90 9.12
C GLN B 69 13.89 33.27 10.51
N GLN B 70 12.89 33.60 11.31
CA GLN B 70 12.79 33.08 12.66
C GLN B 70 12.48 31.58 12.69
N VAL B 71 11.60 31.17 11.78
CA VAL B 71 11.28 29.75 11.57
C VAL B 71 12.53 28.93 11.25
N MET B 72 13.33 29.45 10.32
CA MET B 72 14.55 28.79 9.89
C MET B 72 15.50 28.56 11.04
N GLU B 73 15.66 29.56 11.90
CA GLU B 73 16.61 29.47 12.99
C GLU B 73 16.23 28.34 13.94
N ARG B 74 14.95 27.96 13.95
CA ARG B 74 14.45 26.93 14.87
C ARG B 74 14.32 25.53 14.23
N LEU B 75 14.85 25.34 13.03
CA LEU B 75 14.61 24.08 12.31
C LEU B 75 15.68 23.01 12.46
N GLY B 76 16.68 23.23 13.30
CA GLY B 76 17.77 22.29 13.49
C GLY B 76 18.41 21.81 12.19
N GLN B 77 18.44 22.70 11.19
CA GLN B 77 19.08 22.48 9.91
C GLN B 77 18.30 21.44 9.07
N LYS B 78 16.98 21.40 9.29
CA LYS B 78 16.08 20.74 8.35
C LYS B 78 15.66 21.73 7.25
N PRO B 79 15.72 21.29 5.98
CA PRO B 79 15.27 22.10 4.85
C PRO B 79 13.91 22.71 5.11
N LEU B 80 13.75 23.96 4.74
CA LEU B 80 12.48 24.64 4.84
C LEU B 80 11.89 24.82 3.45
N LEU B 81 10.75 24.17 3.23
CA LEU B 81 9.94 24.37 2.06
C LEU B 81 8.90 25.42 2.38
N LEU B 82 8.74 26.40 1.50
CA LEU B 82 7.72 27.43 1.71
C LEU B 82 6.62 27.23 0.68
N THR B 83 5.37 27.23 1.12
CA THR B 83 4.26 26.96 0.23
C THR B 83 3.09 27.89 0.45
N PHE B 84 2.71 28.62 -0.60
CA PHE B 84 1.39 29.23 -0.65
C PHE B 84 0.46 28.43 -1.58
N ARG B 85 -0.42 27.61 -1.00
CA ARG B 85 -1.36 26.88 -1.81
C ARG B 85 -2.54 27.78 -2.18
N THR B 86 -2.85 27.85 -3.48
CA THR B 86 -3.91 28.74 -3.93
C THR B 86 -5.25 28.06 -3.77
N GLN B 87 -6.28 28.89 -3.59
CA GLN B 87 -7.63 28.42 -3.30
C GLN B 87 -8.11 27.34 -4.27
N LYS B 88 -7.90 27.57 -5.57
CA LYS B 88 -8.35 26.65 -6.60
C LYS B 88 -7.70 25.27 -6.45
N GLU B 89 -6.60 25.20 -5.70
CA GLU B 89 -5.91 23.94 -5.52
C GLU B 89 -5.94 23.47 -4.06
N GLY B 90 -6.97 23.88 -3.32
CA GLY B 90 -7.13 23.43 -1.95
C GLY B 90 -6.64 24.38 -0.87
N GLY B 91 -6.14 25.55 -1.26
CA GLY B 91 -5.59 26.51 -0.32
C GLY B 91 -6.61 27.05 0.67
N GLU B 92 -6.14 27.90 1.58
CA GLU B 92 -6.96 28.41 2.66
C GLU B 92 -7.58 29.78 2.43
N MET B 93 -7.16 30.49 1.40
CA MET B 93 -7.61 31.87 1.22
C MET B 93 -7.57 32.39 -0.20
N ALA B 94 -8.48 33.31 -0.51
CA ALA B 94 -8.46 34.02 -1.77
C ALA B 94 -7.24 34.93 -1.82
N PHE B 95 -6.60 35.02 -2.98
CA PHE B 95 -5.33 35.73 -3.10
C PHE B 95 -5.09 36.04 -4.57
N SER B 96 -4.82 37.30 -4.90
CA SER B 96 -4.63 37.70 -6.30
C SER B 96 -3.38 37.08 -6.87
N GLU B 97 -3.36 36.89 -8.19
CA GLU B 97 -2.17 36.40 -8.89
C GLU B 97 -0.97 37.31 -8.63
N GLU B 98 -1.22 38.62 -8.62
CA GLU B 98 -0.18 39.63 -8.44
C GLU B 98 0.46 39.53 -7.06
N ASN B 99 -0.37 39.34 -6.04
CA ASN B 99 0.13 39.19 -4.68
C ASN B 99 0.83 37.85 -4.47
N TYR B 100 0.42 36.86 -5.23
CA TYR B 100 1.04 35.55 -5.17
C TYR B 100 2.49 35.63 -5.69
N PHE B 101 2.73 36.31 -6.80
CA PHE B 101 4.09 36.44 -7.30
C PHE B 101 4.88 37.46 -6.47
N ALA B 102 4.22 38.53 -6.03
CA ALA B 102 4.89 39.56 -5.24
C ALA B 102 5.41 39.00 -3.92
N LEU B 103 4.60 38.18 -3.26
CA LEU B 103 4.97 37.47 -2.02
C LEU B 103 6.25 36.66 -2.18
N TYR B 104 6.22 35.74 -3.16
CA TYR B 104 7.35 34.87 -3.44
C TYR B 104 8.60 35.65 -3.83
N HIS B 105 8.44 36.72 -4.59
CA HIS B 105 9.60 37.54 -4.97
C HIS B 105 10.31 38.12 -3.75
N GLU B 106 9.55 38.64 -2.80
CA GLU B 106 10.13 39.22 -1.58
C GLU B 106 10.85 38.15 -0.76
N LEU B 107 10.19 36.99 -0.63
CA LEU B 107 10.80 35.86 0.04
C LEU B 107 12.12 35.48 -0.60
N VAL B 108 12.16 35.46 -1.93
CA VAL B 108 13.40 35.15 -2.63
C VAL B 108 14.52 36.13 -2.24
N LYS B 109 14.19 37.42 -2.10
CA LYS B 109 15.19 38.45 -1.78
C LYS B 109 15.51 38.55 -0.30
N LYS B 110 14.49 38.48 0.56
CA LYS B 110 14.66 38.81 1.97
C LYS B 110 14.19 37.72 2.93
N GLY B 111 13.65 36.63 2.39
CA GLY B 111 13.21 35.54 3.24
C GLY B 111 14.24 34.43 3.39
N ALA B 112 13.96 33.50 4.30
CA ALA B 112 14.74 32.29 4.45
C ALA B 112 13.91 31.09 3.97
N LEU B 113 14.49 30.26 3.11
CA LEU B 113 13.81 29.07 2.56
C LEU B 113 14.75 28.26 1.70
N ASP B 114 14.52 26.96 1.64
CA ASP B 114 15.42 26.07 0.90
C ASP B 114 14.76 25.54 -0.34
N LEU B 115 13.45 25.37 -0.27
CA LEU B 115 12.66 24.94 -1.42
C LEU B 115 11.47 25.86 -1.56
N LEU B 116 11.09 26.10 -2.81
CA LEU B 116 9.95 26.97 -3.09
C LEU B 116 8.90 26.19 -3.91
N ASP B 117 7.67 26.20 -3.42
CA ASP B 117 6.55 25.55 -4.07
C ASP B 117 5.85 26.48 -5.07
N ILE B 118 5.95 26.18 -6.35
CA ILE B 118 5.25 26.95 -7.36
C ILE B 118 4.30 26.05 -8.15
N GLU B 119 3.04 26.47 -8.26
CA GLU B 119 2.04 25.67 -8.96
C GLU B 119 2.21 25.77 -10.48
N LEU B 120 2.10 24.62 -11.14
CA LEU B 120 2.26 24.50 -12.60
C LEU B 120 1.37 25.44 -13.37
N PHE B 121 0.15 25.64 -12.90
CA PHE B 121 -0.85 26.37 -13.64
C PHE B 121 -0.88 27.89 -13.44
N ALA B 122 -0.01 28.39 -12.56
CA ALA B 122 0.07 29.81 -12.32
C ALA B 122 0.65 30.45 -13.55
N ASN B 123 0.46 31.76 -13.70
CA ASN B 123 0.92 32.48 -14.88
C ASN B 123 2.37 32.09 -15.14
N PRO B 124 2.53 31.33 -16.19
CA PRO B 124 3.83 30.71 -16.50
C PRO B 124 4.97 31.69 -16.82
N LEU B 125 4.69 32.78 -17.53
CA LEU B 125 5.71 33.79 -17.76
C LEU B 125 6.18 34.47 -16.46
N ALA B 126 5.27 34.88 -15.60
CA ALA B 126 5.62 35.34 -14.28
C ALA B 126 6.27 34.22 -13.49
N ALA B 127 5.82 33.02 -13.72
CA ALA B 127 6.33 31.91 -12.90
C ALA B 127 7.77 31.57 -13.30
N ASP B 128 8.05 31.58 -14.61
CA ASP B 128 9.40 31.33 -15.09
C ASP B 128 10.39 32.39 -14.63
N THR B 129 9.97 33.66 -14.62
CA THR B 129 10.90 34.71 -14.18
C THR B 129 11.23 34.50 -12.71
N LEU B 130 10.23 34.17 -11.91
CA LEU B 130 10.42 33.84 -10.51
C LEU B 130 11.34 32.64 -10.31
N ILE B 131 11.16 31.60 -11.12
CA ILE B 131 11.96 30.40 -10.99
C ILE B 131 13.47 30.69 -11.09
N HIS B 132 13.87 31.44 -12.12
CA HIS B 132 15.29 31.77 -12.29
C HIS B 132 15.85 32.63 -11.17
N GLU B 133 15.05 33.55 -10.64
CA GLU B 133 15.47 34.36 -9.50
C GLU B 133 15.65 33.48 -8.24
N ALA B 134 14.72 32.57 -7.99
CA ALA B 134 14.84 31.69 -6.85
C ALA B 134 16.06 30.78 -6.98
N LYS B 135 16.31 30.26 -8.18
CA LYS B 135 17.45 29.36 -8.38
C LYS B 135 18.77 30.09 -8.22
N LYS B 136 18.82 31.33 -8.71
CA LYS B 136 19.99 32.18 -8.56
C LYS B 136 20.32 32.35 -7.07
N ALA B 137 19.29 32.38 -6.23
CA ALA B 137 19.46 32.48 -4.79
C ALA B 137 19.65 31.09 -4.16
N GLY B 138 19.86 30.07 -5.00
CA GLY B 138 20.12 28.72 -4.51
C GLY B 138 18.91 27.97 -3.97
N ILE B 139 17.72 28.47 -4.29
CA ILE B 139 16.49 27.82 -3.85
C ILE B 139 16.05 26.70 -4.83
N LYS B 140 15.74 25.52 -4.30
CA LYS B 140 15.18 24.44 -5.11
C LYS B 140 13.73 24.73 -5.48
N ILE B 141 13.33 24.43 -6.71
CA ILE B 141 11.96 24.69 -7.11
C ILE B 141 11.10 23.44 -7.10
N VAL B 142 9.96 23.51 -6.41
CA VAL B 142 8.98 22.44 -6.49
C VAL B 142 7.79 22.90 -7.32
N LEU B 143 7.73 22.47 -8.58
CA LEU B 143 6.55 22.72 -9.40
C LEU B 143 5.52 21.69 -8.98
N CYS B 144 4.25 22.08 -8.99
CA CYS B 144 3.23 21.25 -8.37
C CYS B 144 1.80 21.49 -8.86
N ASN B 145 0.98 20.46 -8.70
CA ASN B 145 -0.43 20.52 -9.07
C ASN B 145 -1.26 19.72 -8.08
N HIS B 146 -2.42 20.27 -7.75
CA HIS B 146 -3.33 19.66 -6.81
C HIS B 146 -4.72 19.67 -7.38
N ASP B 147 -5.35 18.51 -7.42
CA ASP B 147 -6.77 18.40 -7.70
C ASP B 147 -7.47 17.80 -6.48
N PHE B 148 -8.23 18.60 -5.74
CA PHE B 148 -8.79 18.11 -4.49
C PHE B 148 -10.21 17.56 -4.63
N GLN B 149 -10.66 17.41 -5.86
CA GLN B 149 -12.00 16.87 -6.08
C GLN B 149 -12.02 15.62 -6.96
N LYS B 150 -11.01 15.40 -7.80
CA LYS B 150 -11.03 14.25 -8.71
C LYS B 150 -9.63 13.75 -9.07
N THR B 151 -9.58 12.63 -9.78
CA THR B 151 -8.32 12.11 -10.27
C THR B 151 -8.37 12.10 -11.81
N PRO B 152 -7.51 12.91 -12.44
CA PRO B 152 -7.41 12.95 -13.92
C PRO B 152 -6.91 11.60 -14.45
N SER B 153 -6.95 11.39 -15.76
CA SER B 153 -6.50 10.12 -16.33
C SER B 153 -5.01 9.89 -16.02
N GLN B 154 -4.57 8.63 -16.09
CA GLN B 154 -3.18 8.30 -15.86
C GLN B 154 -2.26 9.13 -16.78
N GLU B 155 -2.68 9.25 -18.04
CA GLU B 155 -1.90 9.95 -19.05
C GLU B 155 -1.76 11.44 -18.76
N GLU B 156 -2.82 12.05 -18.24
CA GLU B 156 -2.83 13.46 -17.89
C GLU B 156 -1.93 13.75 -16.69
N ILE B 157 -1.97 12.87 -15.69
CA ILE B 157 -1.12 13.00 -14.52
C ILE B 157 0.34 12.95 -14.94
N VAL B 158 0.68 11.96 -15.75
CA VAL B 158 2.00 11.86 -16.35
C VAL B 158 2.34 13.10 -17.19
N ALA B 159 1.39 13.57 -18.00
CA ALA B 159 1.66 14.74 -18.83
C ALA B 159 1.94 15.97 -17.97
N ARG B 160 1.21 16.10 -16.87
CA ARG B 160 1.43 17.25 -15.98
C ARG B 160 2.78 17.13 -15.31
N LEU B 161 3.14 15.92 -14.91
CA LEU B 161 4.46 15.71 -14.31
C LEU B 161 5.57 16.01 -15.33
N ARG B 162 5.36 15.61 -16.58
CA ARG B 162 6.36 15.86 -17.61
C ARG B 162 6.43 17.34 -17.94
N GLN B 163 5.31 18.04 -17.91
CA GLN B 163 5.31 19.48 -18.15
C GLN B 163 6.06 20.23 -17.04
N MET B 164 5.94 19.75 -15.80
CA MET B 164 6.64 20.37 -14.69
C MET B 164 8.15 20.22 -14.88
N GLN B 165 8.58 19.04 -15.29
CA GLN B 165 9.99 18.80 -15.53
C GLN B 165 10.50 19.69 -16.68
N MET B 166 9.70 19.85 -17.72
CA MET B 166 10.08 20.69 -18.87
C MET B 166 10.23 22.16 -18.51
N ARG B 167 9.57 22.59 -17.44
CA ARG B 167 9.64 23.98 -17.00
C ARG B 167 10.77 24.13 -15.97
N GLN B 168 11.70 23.17 -15.98
CA GLN B 168 12.93 23.19 -15.16
C GLN B 168 12.70 23.05 -13.63
N ALA B 169 11.65 22.34 -13.23
CA ALA B 169 11.45 22.01 -11.83
C ALA B 169 12.61 21.19 -11.26
N ASP B 170 12.99 21.47 -10.01
CA ASP B 170 13.91 20.58 -9.33
C ASP B 170 13.16 19.33 -8.88
N ILE B 171 11.92 19.53 -8.48
CA ILE B 171 11.08 18.45 -7.98
C ILE B 171 9.68 18.63 -8.57
N CYS B 172 9.09 17.53 -9.05
CA CYS B 172 7.75 17.55 -9.62
C CYS B 172 6.76 16.87 -8.68
N LYS B 173 5.63 17.54 -8.44
CA LYS B 173 4.69 17.09 -7.43
C LYS B 173 3.26 17.18 -7.94
N ILE B 174 2.46 16.17 -7.64
CA ILE B 174 1.05 16.20 -7.95
C ILE B 174 0.27 15.45 -6.89
N ALA B 175 -0.83 16.07 -6.43
CA ALA B 175 -1.75 15.43 -5.50
C ALA B 175 -3.11 15.39 -6.15
N VAL B 176 -3.77 14.23 -6.13
CA VAL B 176 -5.08 14.09 -6.77
C VAL B 176 -6.07 13.49 -5.78
N MET B 177 -7.37 13.64 -6.04
CA MET B 177 -8.37 13.12 -5.11
C MET B 177 -9.12 11.92 -5.65
N PRO B 178 -8.92 10.75 -5.02
CA PRO B 178 -9.62 9.54 -5.46
C PRO B 178 -11.07 9.54 -5.04
N GLN B 179 -11.93 8.98 -5.88
CA GLN B 179 -13.33 8.78 -5.52
C GLN B 179 -13.60 7.29 -5.33
N ASP B 180 -12.66 6.45 -5.76
CA ASP B 180 -12.77 5.00 -5.56
C ASP B 180 -11.39 4.35 -5.67
N ALA B 181 -11.32 3.03 -5.58
CA ALA B 181 -10.04 2.31 -5.52
C ALA B 181 -9.31 2.38 -6.85
N THR B 182 -10.09 2.39 -7.93
CA THR B 182 -9.53 2.52 -9.27
C THR B 182 -8.70 3.81 -9.40
N ASP B 183 -9.17 4.89 -8.78
CA ASP B 183 -8.48 6.16 -8.87
C ASP B 183 -7.12 6.13 -8.18
N VAL B 184 -7.02 5.35 -7.11
CA VAL B 184 -5.76 5.26 -6.37
C VAL B 184 -4.73 4.53 -7.22
N LEU B 185 -5.13 3.43 -7.84
CA LEU B 185 -4.30 2.69 -8.78
C LEU B 185 -3.82 3.57 -9.93
N THR B 186 -4.73 4.35 -10.48
CA THR B 186 -4.41 5.30 -11.53
C THR B 186 -3.24 6.20 -11.13
N LEU B 187 -3.30 6.75 -9.91
CA LEU B 187 -2.24 7.61 -9.39
C LEU B 187 -0.96 6.82 -9.17
N LEU B 188 -1.07 5.65 -8.55
CA LEU B 188 0.10 4.81 -8.31
C LEU B 188 0.75 4.41 -9.64
N SER B 189 -0.06 4.04 -10.63
CA SER B 189 0.43 3.71 -11.97
C SER B 189 1.05 4.89 -12.70
N ALA B 190 0.42 6.05 -12.59
CA ALA B 190 0.99 7.26 -13.18
C ALA B 190 2.37 7.51 -12.59
N THR B 191 2.48 7.36 -11.27
CA THR B 191 3.76 7.54 -10.58
C THR B 191 4.82 6.62 -11.14
N ASN B 192 4.47 5.34 -11.26
CA ASN B 192 5.41 4.32 -11.72
C ASN B 192 5.88 4.59 -13.14
N GLU B 193 4.94 4.96 -14.01
CA GLU B 193 5.25 5.24 -15.41
C GLU B 193 6.10 6.51 -15.57
N MET B 194 5.80 7.55 -14.81
CA MET B 194 6.61 8.76 -14.88
C MET B 194 8.03 8.48 -14.45
N TYR B 195 8.13 7.81 -13.31
CA TYR B 195 9.43 7.48 -12.72
C TYR B 195 10.30 6.63 -13.63
N THR B 196 9.69 5.62 -14.25
CA THR B 196 10.48 4.65 -14.98
C THR B 196 10.83 5.19 -16.37
N HIS B 197 9.90 5.88 -17.03
CA HIS B 197 10.11 6.24 -18.43
C HIS B 197 10.52 7.69 -18.75
N TYR B 198 10.15 8.64 -17.89
CA TYR B 198 10.34 10.06 -18.23
C TYR B 198 11.16 10.87 -17.22
N ALA B 199 11.15 10.44 -15.96
CA ALA B 199 11.72 11.24 -14.88
C ALA B 199 13.24 11.35 -14.96
N SER B 200 13.75 12.56 -14.86
CA SER B 200 15.19 12.74 -14.67
C SER B 200 15.43 13.69 -13.52
N VAL B 201 14.34 14.05 -12.83
CA VAL B 201 14.41 14.71 -11.53
C VAL B 201 13.45 13.98 -10.59
N PRO B 202 13.59 14.18 -9.27
CA PRO B 202 12.68 13.54 -8.34
C PRO B 202 11.22 13.93 -8.56
N ILE B 203 10.31 13.00 -8.32
CA ILE B 203 8.89 13.30 -8.39
C ILE B 203 8.21 12.91 -7.08
N VAL B 204 7.12 13.61 -6.80
CA VAL B 204 6.35 13.43 -5.58
C VAL B 204 4.89 13.26 -5.95
N THR B 205 4.28 12.13 -5.61
CA THR B 205 2.87 11.95 -5.91
C THR B 205 2.07 11.48 -4.72
N MET B 206 0.78 11.75 -4.75
CA MET B 206 -0.10 11.24 -3.71
C MET B 206 -1.56 11.26 -4.13
N SER B 207 -2.26 10.22 -3.67
CA SER B 207 -3.69 10.13 -3.76
C SER B 207 -4.27 10.51 -2.40
N MET B 208 -5.07 11.58 -2.37
CA MET B 208 -5.53 12.18 -1.11
C MET B 208 -6.61 11.37 -0.40
N GLY B 209 -6.86 11.67 0.87
CA GLY B 209 -7.95 11.07 1.61
C GLY B 209 -7.67 9.68 2.14
N GLN B 210 -8.67 9.10 2.77
CA GLN B 210 -8.52 7.77 3.37
C GLN B 210 -8.27 6.70 2.32
N LEU B 211 -8.95 6.80 1.18
CA LEU B 211 -8.77 5.84 0.07
C LEU B 211 -7.33 5.75 -0.43
N GLY B 212 -6.66 6.89 -0.58
CA GLY B 212 -5.34 6.92 -1.17
C GLY B 212 -4.19 6.90 -0.17
N MET B 213 -4.52 6.59 1.09
CA MET B 213 -3.51 6.60 2.16
C MET B 213 -2.28 5.73 1.87
N ILE B 214 -2.48 4.60 1.20
CA ILE B 214 -1.37 3.73 0.82
C ILE B 214 -0.30 4.40 -0.04
N SER B 215 -0.67 5.41 -0.82
CA SER B 215 0.28 6.07 -1.70
C SER B 215 1.25 6.93 -0.90
N ARG B 216 0.99 7.07 0.40
CA ARG B 216 1.85 7.85 1.28
C ARG B 216 2.96 7.02 1.89
N VAL B 217 2.87 5.69 1.77
CA VAL B 217 3.91 4.81 2.29
C VAL B 217 4.58 3.97 1.19
N THR B 218 4.18 4.17 -0.06
CA THR B 218 4.70 3.32 -1.14
C THR B 218 5.65 4.05 -2.08
N GLY B 219 6.20 5.18 -1.61
CA GLY B 219 7.06 6.01 -2.43
C GLY B 219 8.28 5.29 -2.95
N GLN B 220 8.93 4.48 -2.11
CA GLN B 220 10.12 3.77 -2.57
C GLN B 220 9.78 2.78 -3.68
N LEU B 221 8.66 2.08 -3.55
CA LEU B 221 8.29 1.07 -4.54
C LEU B 221 7.96 1.71 -5.90
N PHE B 222 7.15 2.77 -5.92
CA PHE B 222 6.64 3.32 -7.18
C PHE B 222 7.37 4.57 -7.71
N GLY B 223 8.22 5.18 -6.88
CA GLY B 223 9.02 6.31 -7.33
C GLY B 223 8.71 7.69 -6.77
N SER B 224 7.94 7.76 -5.69
CA SER B 224 7.59 9.02 -5.06
C SER B 224 8.63 9.40 -3.97
N ALA B 225 9.29 10.55 -4.16
CA ALA B 225 10.45 10.93 -3.36
C ALA B 225 10.14 11.59 -2.01
N LEU B 226 8.94 12.14 -1.87
CA LEU B 226 8.53 12.80 -0.64
C LEU B 226 7.14 12.35 -0.20
N THR B 227 6.94 12.29 1.11
CA THR B 227 5.62 11.97 1.66
C THR B 227 5.36 12.91 2.83
N PHE B 228 4.12 13.34 2.98
CA PHE B 228 3.78 14.36 3.95
C PHE B 228 3.00 13.76 5.12
N GLY B 229 3.43 14.03 6.34
CA GLY B 229 2.70 13.59 7.52
C GLY B 229 2.49 14.69 8.54
N SER B 230 1.30 14.76 9.11
CA SER B 230 0.97 15.82 10.07
C SER B 230 1.83 15.76 11.34
N LEU B 240 -1.47 10.52 7.95
CA LEU B 240 -0.65 9.78 8.90
C LEU B 240 0.36 10.70 9.61
N SER B 241 0.53 10.50 10.92
CA SER B 241 1.47 11.30 11.69
C SER B 241 2.91 10.89 11.37
N VAL B 242 3.85 11.80 11.63
CA VAL B 242 5.25 11.59 11.25
C VAL B 242 5.87 10.37 11.95
N GLN B 243 5.49 10.14 13.20
CA GLN B 243 5.89 8.92 13.92
C GLN B 243 5.52 7.63 13.18
N VAL B 244 4.24 7.50 12.84
CA VAL B 244 3.71 6.32 12.17
C VAL B 244 4.34 6.15 10.79
N LEU B 245 4.55 7.27 10.11
CA LEU B 245 4.98 7.28 8.72
C LEU B 245 6.35 6.64 8.54
N ARG B 246 7.30 7.06 9.35
CA ARG B 246 8.64 6.51 9.27
C ARG B 246 8.62 5.00 9.53
N ASN B 247 7.95 4.60 10.61
CA ASN B 247 7.78 3.18 10.92
C ASN B 247 7.23 2.43 9.71
N TYR B 248 6.20 2.99 9.09
CA TYR B 248 5.57 2.35 7.94
C TYR B 248 6.45 2.32 6.71
N LEU B 249 7.27 3.34 6.53
CA LEU B 249 8.21 3.37 5.41
C LEU B 249 9.27 2.28 5.56
N LYS B 250 9.74 2.07 6.79
CA LYS B 250 10.73 1.02 7.05
C LYS B 250 10.14 -0.37 6.80
N THR B 251 8.90 -0.59 7.21
CA THR B 251 8.25 -1.88 6.99
C THR B 251 8.16 -2.25 5.50
N PHE B 252 7.80 -1.30 4.64
CA PHE B 252 7.65 -1.58 3.22
C PHE B 252 8.89 -1.21 2.41
N GLU B 253 10.03 -1.07 3.09
CA GLU B 253 11.25 -0.66 2.41
C GLU B 253 11.78 -1.80 1.55
N GLN B 254 12.32 -1.47 0.38
CA GLN B 254 12.72 -2.50 -0.59
C GLN B 254 14.15 -3.00 -0.39
#